data_3OB9
#
_entry.id   3OB9
#
_cell.length_a   179.178
_cell.length_b   36.696
_cell.length_c   85.574
_cell.angle_alpha   90.00
_cell.angle_beta   90.39
_cell.angle_gamma   90.00
#
_symmetry.space_group_name_H-M   'C 1 2 1'
#
loop_
_entity.id
_entity.type
_entity.pdbx_description
1 polymer 'Male-specific lethal 3-like 1 (Drosophila), isoform CRA_c'
2 non-polymer 'SULFATE ION'
3 non-polymer '2-[N-CYCLOHEXYLAMINO]ETHANE SULFONIC ACID'
4 water water
#
_entity_poly.entity_id   1
_entity_poly.type   'polypeptide(L)'
_entity_poly.pdbx_seq_one_letter_code
;GPLGSSASEGMKFKFHSGEKVLCFEPDPTKARVLYDAKIVDVIVGKDEKGRKIPEYLIHFNGWNRSWDRWAAEDHVLRDT
DENRRLQRKLARKAVAR
;
_entity_poly.pdbx_strand_id   A,B,C,D,E
#
# COMPACT_ATOMS: atom_id res chain seq x y z
N GLU A 9 5.78 -8.32 27.80
CA GLU A 9 4.99 -8.60 26.57
C GLU A 9 4.25 -9.95 26.68
N GLY A 10 5.00 -11.00 27.02
CA GLY A 10 4.49 -12.37 27.01
C GLY A 10 4.56 -12.99 25.62
N MET A 11 4.01 -12.28 24.63
CA MET A 11 3.81 -12.82 23.27
C MET A 11 5.04 -12.81 22.35
N LYS A 12 4.87 -13.44 21.18
CA LYS A 12 5.93 -13.58 20.17
C LYS A 12 5.74 -12.61 19.00
N PHE A 13 6.80 -11.85 18.72
CA PHE A 13 6.81 -10.89 17.61
C PHE A 13 7.55 -11.46 16.40
N LYS A 14 6.91 -11.39 15.24
CA LYS A 14 7.49 -11.94 14.00
C LYS A 14 8.49 -10.97 13.40
N PHE A 15 8.27 -9.69 13.65
CA PHE A 15 9.14 -8.63 13.13
C PHE A 15 9.75 -7.85 14.28
N HIS A 16 10.79 -7.08 13.97
CA HIS A 16 11.50 -6.28 14.98
C HIS A 16 11.80 -4.85 14.53
N SER A 17 11.88 -3.95 15.51
CA SER A 17 12.19 -2.56 15.22
C SER A 17 13.51 -2.48 14.50
N GLY A 18 13.51 -1.69 13.43
CA GLY A 18 14.67 -1.50 12.58
C GLY A 18 14.58 -2.33 11.30
N GLU A 19 13.68 -3.32 11.30
CA GLU A 19 13.61 -4.27 10.20
C GLU A 19 12.94 -3.64 8.99
N LYS A 20 13.66 -3.65 7.86
CA LYS A 20 13.10 -3.24 6.57
C LYS A 20 12.07 -4.28 6.12
N VAL A 21 10.89 -3.82 5.70
CA VAL A 21 9.77 -4.74 5.43
C VAL A 21 8.91 -4.27 4.24
N LEU A 22 7.92 -5.08 3.91
CA LEU A 22 6.88 -4.74 2.93
C LEU A 22 5.55 -4.66 3.66
N CYS A 23 4.92 -3.49 3.62
CA CYS A 23 3.66 -3.27 4.32
C CYS A 23 2.55 -2.99 3.32
N PHE A 24 1.39 -3.62 3.52
CA PHE A 24 0.28 -3.46 2.61
C PHE A 24 -0.23 -2.06 2.74
N GLU A 25 -0.77 -1.50 1.67
CA GLU A 25 -1.62 -0.32 1.71
C GLU A 25 -2.60 -0.37 2.91
N PRO A 26 -2.41 0.52 3.91
CA PRO A 26 -3.28 0.54 5.09
C PRO A 26 -4.63 1.21 4.86
N ASP A 27 -4.78 1.98 3.78
CA ASP A 27 -6.05 2.64 3.47
C ASP A 27 -6.98 1.74 2.62
N PRO A 28 -8.13 1.34 3.20
CA PRO A 28 -9.03 0.40 2.52
C PRO A 28 -9.72 1.01 1.30
N THR A 29 -9.79 2.34 1.24
CA THR A 29 -10.31 3.02 0.05
C THR A 29 -9.30 2.99 -1.11
N LYS A 30 -8.09 2.50 -0.85
CA LYS A 30 -7.06 2.45 -1.89
C LYS A 30 -6.72 1.03 -2.36
N ALA A 31 -6.19 0.93 -3.58
CA ALA A 31 -5.80 -0.34 -4.17
C ALA A 31 -4.78 -1.08 -3.30
N ARG A 32 -4.92 -2.40 -3.23
CA ARG A 32 -4.03 -3.23 -2.42
C ARG A 32 -2.67 -3.34 -3.09
N VAL A 33 -1.65 -2.87 -2.38
CA VAL A 33 -0.28 -2.87 -2.88
C VAL A 33 0.71 -2.99 -1.70
N LEU A 34 1.98 -3.25 -2.01
CA LEU A 34 3.02 -3.38 -0.99
C LEU A 34 4.05 -2.26 -1.10
N TYR A 35 4.22 -1.52 0.00
CA TYR A 35 5.21 -0.48 0.09
C TYR A 35 6.47 -0.97 0.75
N ASP A 36 7.62 -0.55 0.23
CA ASP A 36 8.88 -0.60 0.94
C ASP A 36 8.65 0.17 2.23
N ALA A 37 9.03 -0.43 3.35
CA ALA A 37 8.71 0.10 4.69
C ALA A 37 9.71 -0.30 5.78
N LYS A 38 9.62 0.36 6.93
CA LYS A 38 10.54 0.07 8.02
C LYS A 38 9.76 -0.01 9.32
N ILE A 39 10.07 -1.00 10.16
CA ILE A 39 9.50 -1.08 11.49
C ILE A 39 10.16 0.01 12.35
N VAL A 40 9.35 0.80 13.05
CA VAL A 40 9.88 1.91 13.85
C VAL A 40 9.63 1.70 15.34
N ASP A 41 8.56 0.99 15.67
CA ASP A 41 8.29 0.59 17.05
C ASP A 41 7.37 -0.62 17.09
N VAL A 42 7.33 -1.28 18.25
CA VAL A 42 6.57 -2.50 18.43
C VAL A 42 5.85 -2.41 19.78
N ILE A 43 4.54 -2.64 19.79
CA ILE A 43 3.80 -2.81 21.06
C ILE A 43 2.80 -3.98 21.04
N VAL A 44 2.20 -4.24 22.19
CA VAL A 44 1.07 -5.16 22.33
C VAL A 44 -0.21 -4.33 22.19
N GLY A 45 -1.02 -4.65 21.20
CA GLY A 45 -2.26 -3.92 20.95
C GLY A 45 -3.46 -4.83 21.02
N LYS A 46 -4.57 -4.39 20.43
CA LYS A 46 -5.80 -5.18 20.44
C LYS A 46 -6.48 -5.19 19.08
N ASP A 47 -7.14 -6.30 18.77
CA ASP A 47 -8.00 -6.37 17.59
C ASP A 47 -9.42 -5.93 17.94
N GLU A 48 -10.33 -6.01 16.97
CA GLU A 48 -11.73 -5.58 17.10
C GLU A 48 -12.43 -6.17 18.33
N LYS A 49 -11.90 -7.26 18.85
CA LYS A 49 -12.54 -8.02 19.91
C LYS A 49 -11.91 -7.80 21.29
N GLY A 50 -10.81 -7.05 21.31
CA GLY A 50 -10.07 -6.81 22.55
C GLY A 50 -8.99 -7.83 22.85
N ARG A 51 -8.83 -8.81 21.95
CA ARG A 51 -7.82 -9.85 22.08
C ARG A 51 -6.43 -9.31 21.73
N LYS A 52 -5.48 -9.51 22.64
CA LYS A 52 -4.10 -9.08 22.47
C LYS A 52 -3.52 -9.50 21.11
N ILE A 53 -2.89 -8.56 20.42
CA ILE A 53 -2.13 -8.88 19.21
C ILE A 53 -0.82 -8.13 19.25
N PRO A 54 0.13 -8.51 18.38
CA PRO A 54 1.29 -7.65 18.20
C PRO A 54 0.97 -6.55 17.19
N GLU A 55 1.52 -5.36 17.40
CA GLU A 55 1.35 -4.21 16.49
C GLU A 55 2.65 -3.50 16.22
N TYR A 56 2.77 -2.97 14.99
CA TYR A 56 4.02 -2.35 14.53
C TYR A 56 3.78 -0.93 14.00
N LEU A 57 4.63 0.00 14.46
CA LEU A 57 4.65 1.34 13.89
C LEU A 57 5.46 1.30 12.60
N ILE A 58 4.79 1.62 11.49
CA ILE A 58 5.40 1.54 10.19
C ILE A 58 5.70 2.92 9.62
N HIS A 59 6.93 3.11 9.18
CA HIS A 59 7.27 4.26 8.37
C HIS A 59 7.39 3.74 6.96
N PHE A 60 6.75 4.44 6.03
CA PHE A 60 6.76 4.06 4.62
C PHE A 60 7.83 4.85 3.87
N ASN A 61 8.71 4.14 3.18
CA ASN A 61 9.88 4.76 2.52
C ASN A 61 9.51 5.76 1.44
N GLY A 62 10.15 6.93 1.49
CA GLY A 62 9.83 8.04 0.59
C GLY A 62 8.58 8.83 0.92
N TRP A 63 7.96 8.54 2.07
CA TRP A 63 6.81 9.27 2.60
C TRP A 63 7.16 9.88 3.97
N ASN A 64 6.79 11.15 4.18
CA ASN A 64 7.17 11.81 5.43
C ASN A 64 6.45 11.20 6.65
N ARG A 65 6.98 11.46 7.84
CA ARG A 65 6.54 10.77 9.07
C ARG A 65 5.06 10.97 9.45
N SER A 66 4.32 11.78 8.68
CA SER A 66 2.89 11.98 8.91
C SER A 66 2.11 10.79 8.40
N TRP A 67 2.74 10.01 7.53
CA TRP A 67 2.14 8.81 6.97
C TRP A 67 2.41 7.59 7.86
N ASP A 68 3.24 7.75 8.88
CA ASP A 68 3.50 6.66 9.83
C ASP A 68 2.18 6.08 10.39
N ARG A 69 2.10 4.75 10.48
CA ARG A 69 0.96 4.14 11.16
C ARG A 69 1.19 2.75 11.71
N TRP A 70 0.39 2.44 12.73
CA TRP A 70 0.34 1.11 13.32
C TRP A 70 -0.33 0.11 12.38
N ALA A 71 0.29 -1.06 12.26
CA ALA A 71 -0.25 -2.14 11.47
C ALA A 71 -0.24 -3.43 12.28
N ALA A 72 -1.17 -4.32 11.96
CA ALA A 72 -1.21 -5.65 12.54
C ALA A 72 -0.19 -6.52 11.85
N GLU A 73 0.28 -7.55 12.55
CA GLU A 73 1.30 -8.44 12.03
C GLU A 73 1.08 -8.98 10.62
N ASP A 74 -0.17 -9.29 10.28
CA ASP A 74 -0.46 -9.89 8.96
C ASP A 74 -0.48 -8.87 7.80
N HIS A 75 -0.48 -7.58 8.13
CA HIS A 75 -0.40 -6.50 7.13
C HIS A 75 1.04 -6.22 6.76
N VAL A 76 1.97 -6.86 7.48
CA VAL A 76 3.40 -6.71 7.23
C VAL A 76 3.99 -8.03 6.73
N LEU A 77 4.85 -7.94 5.73
CA LEU A 77 5.53 -9.10 5.18
C LEU A 77 7.05 -8.86 5.24
N ARG A 78 7.81 -9.93 5.43
CA ARG A 78 9.27 -9.84 5.35
C ARG A 78 9.72 -9.45 3.95
N ASP A 79 10.76 -8.63 3.88
CA ASP A 79 11.29 -8.18 2.61
C ASP A 79 12.17 -9.27 2.01
N THR A 80 11.56 -10.08 1.13
CA THR A 80 12.22 -11.19 0.48
C THR A 80 12.02 -11.12 -1.03
N ASP A 81 12.81 -11.89 -1.79
CA ASP A 81 12.57 -12.08 -3.23
C ASP A 81 11.10 -12.44 -3.51
N GLU A 82 10.62 -13.43 -2.76
CA GLU A 82 9.26 -13.94 -2.89
C GLU A 82 8.21 -12.84 -2.69
N ASN A 83 8.39 -12.02 -1.67
CA ASN A 83 7.43 -10.94 -1.48
C ASN A 83 7.67 -9.74 -2.43
N ARG A 84 8.90 -9.57 -2.89
CA ARG A 84 9.22 -8.60 -3.95
C ARG A 84 8.42 -8.93 -5.22
N ARG A 85 8.36 -10.22 -5.56
CA ARG A 85 7.61 -10.67 -6.71
C ARG A 85 6.13 -10.34 -6.57
N LEU A 86 5.58 -10.55 -5.37
CA LEU A 86 4.20 -10.22 -5.09
C LEU A 86 4.01 -8.71 -5.21
N GLN A 87 4.94 -7.94 -4.65
CA GLN A 87 4.91 -6.48 -4.83
C GLN A 87 4.78 -6.05 -6.30
N ARG A 88 5.53 -6.71 -7.19
CA ARG A 88 5.45 -6.43 -8.62
C ARG A 88 4.05 -6.73 -9.15
N LYS A 89 3.53 -7.91 -8.79
CA LYS A 89 2.22 -8.35 -9.27
C LYS A 89 1.12 -7.39 -8.81
N LEU A 90 1.08 -7.09 -7.52
CA LEU A 90 0.10 -6.16 -6.98
C LEU A 90 0.21 -4.76 -7.59
N ALA A 91 1.43 -4.26 -7.76
CA ALA A 91 1.67 -2.93 -8.33
C ALA A 91 1.19 -2.80 -9.77
N ARG A 92 1.55 -3.75 -10.62
CA ARG A 92 1.15 -3.70 -12.02
C ARG A 92 -0.35 -3.91 -12.18
N LYS A 93 -0.96 -4.64 -11.24
CA LYS A 93 -2.41 -4.81 -11.27
C LYS A 93 -3.15 -3.51 -10.90
N ALA A 94 -2.53 -2.67 -10.08
CA ALA A 94 -3.15 -1.43 -9.57
C ALA A 94 -3.16 -0.28 -10.58
N VAL A 95 -2.33 -0.37 -11.61
CA VAL A 95 -2.31 0.61 -12.69
C VAL A 95 -3.70 0.60 -13.34
N ALA A 96 -4.44 1.72 -13.19
CA ALA A 96 -5.81 1.83 -13.71
C ALA A 96 -5.90 2.60 -15.02
N ARG A 97 -5.07 3.64 -15.16
CA ARG A 97 -4.99 4.47 -16.38
C ARG A 97 -6.30 5.18 -16.75
N GLY B 10 -20.95 18.00 18.44
CA GLY B 10 -20.48 19.34 17.95
C GLY B 10 -20.26 19.37 16.43
N MET B 11 -20.48 18.22 15.78
CA MET B 11 -20.17 18.04 14.35
C MET B 11 -21.32 17.38 13.57
N LYS B 12 -21.02 16.90 12.36
CA LYS B 12 -22.06 16.38 11.47
C LYS B 12 -21.80 14.95 11.01
N PHE B 13 -22.87 14.27 10.58
CA PHE B 13 -22.78 12.85 10.17
C PHE B 13 -23.21 12.67 8.73
N LYS B 14 -22.35 11.98 7.97
CA LYS B 14 -22.64 11.67 6.58
C LYS B 14 -23.79 10.69 6.45
N PHE B 15 -23.87 9.72 7.34
CA PHE B 15 -24.85 8.66 7.21
C PHE B 15 -25.77 8.57 8.42
N HIS B 16 -26.89 7.89 8.24
CA HIS B 16 -27.88 7.74 9.30
C HIS B 16 -28.15 6.27 9.58
N SER B 17 -28.55 5.96 10.81
CA SER B 17 -28.90 4.60 11.17
C SER B 17 -29.96 4.11 10.20
N GLY B 18 -29.75 2.91 9.64
CA GLY B 18 -30.70 2.27 8.74
C GLY B 18 -30.38 2.45 7.28
N GLU B 19 -29.48 3.38 6.97
CA GLU B 19 -29.17 3.70 5.58
C GLU B 19 -28.47 2.52 4.90
N LYS B 20 -28.91 2.23 3.67
CA LYS B 20 -28.21 1.26 2.84
C LYS B 20 -27.00 1.98 2.23
N VAL B 21 -25.82 1.39 2.45
CA VAL B 21 -24.55 1.98 2.06
C VAL B 21 -23.62 0.94 1.40
N LEU B 22 -22.48 1.42 0.94
CA LEU B 22 -21.43 0.59 0.37
C LEU B 22 -20.17 0.75 1.24
N CYS B 23 -19.67 -0.36 1.77
CA CYS B 23 -18.53 -0.29 2.66
C CYS B 23 -17.35 -1.07 2.08
N PHE B 24 -16.15 -0.50 2.12
CA PHE B 24 -14.96 -1.13 1.55
C PHE B 24 -14.53 -2.35 2.35
N GLU B 25 -13.81 -3.25 1.68
CA GLU B 25 -13.14 -4.37 2.33
C GLU B 25 -12.18 -3.83 3.41
N PRO B 26 -12.41 -4.19 4.68
CA PRO B 26 -11.54 -3.69 5.74
C PRO B 26 -10.15 -4.37 5.84
N ASP B 27 -10.02 -5.56 5.27
CA ASP B 27 -8.78 -6.34 5.37
C ASP B 27 -7.76 -5.84 4.35
N PRO B 28 -6.62 -5.28 4.82
CA PRO B 28 -5.67 -4.71 3.87
C PRO B 28 -5.02 -5.75 2.96
N THR B 29 -4.84 -6.98 3.44
CA THR B 29 -4.36 -8.11 2.62
C THR B 29 -5.32 -8.59 1.51
N LYS B 30 -6.61 -8.30 1.63
CA LYS B 30 -7.58 -8.73 0.60
C LYS B 30 -7.81 -7.60 -0.41
N ALA B 31 -8.26 -7.95 -1.61
CA ALA B 31 -8.51 -6.97 -2.68
C ALA B 31 -9.53 -5.93 -2.28
N ARG B 32 -9.35 -4.71 -2.81
CA ARG B 32 -10.30 -3.64 -2.64
C ARG B 32 -11.58 -3.92 -3.44
N VAL B 33 -12.66 -4.17 -2.71
CA VAL B 33 -14.02 -4.32 -3.27
C VAL B 33 -14.99 -3.60 -2.36
N LEU B 34 -16.22 -3.38 -2.84
CA LEU B 34 -17.26 -2.71 -2.05
C LEU B 34 -18.40 -3.67 -1.70
N TYR B 35 -18.81 -3.66 -0.43
CA TYR B 35 -19.90 -4.49 0.06
C TYR B 35 -21.18 -3.70 0.27
N ASP B 36 -22.30 -4.23 -0.22
CA ASP B 36 -23.63 -3.78 0.20
C ASP B 36 -23.69 -3.92 1.72
N ALA B 37 -24.17 -2.89 2.39
CA ALA B 37 -24.07 -2.77 3.84
C ALA B 37 -25.13 -1.82 4.36
N LYS B 38 -25.30 -1.80 5.68
CA LYS B 38 -26.37 -1.03 6.31
C LYS B 38 -25.83 -0.37 7.59
N ILE B 39 -26.17 0.89 7.82
CA ILE B 39 -25.71 1.57 9.03
C ILE B 39 -26.54 1.10 10.23
N VAL B 40 -25.88 0.38 11.14
CA VAL B 40 -26.53 -0.19 12.31
C VAL B 40 -26.56 0.84 13.45
N ASP B 41 -25.47 1.59 13.58
CA ASP B 41 -25.28 2.52 14.69
C ASP B 41 -24.14 3.48 14.35
N VAL B 42 -24.04 4.54 15.13
CA VAL B 42 -23.13 5.63 14.86
C VAL B 42 -22.65 6.16 16.19
N ILE B 43 -21.33 6.34 16.36
CA ILE B 43 -20.80 7.01 17.57
C ILE B 43 -19.89 8.16 17.22
N VAL B 44 -19.67 9.07 18.16
CA VAL B 44 -18.59 10.02 18.00
C VAL B 44 -17.32 9.39 18.56
N GLY B 45 -16.43 9.02 17.66
CA GLY B 45 -15.17 8.41 18.06
C GLY B 45 -13.97 9.23 17.62
N LYS B 46 -12.82 8.57 17.57
CA LYS B 46 -11.52 9.19 17.24
C LYS B 46 -10.84 8.43 16.08
N ASP B 47 -9.64 8.86 15.69
CA ASP B 47 -8.97 8.25 14.53
C ASP B 47 -7.48 8.00 14.72
N GLU B 48 -6.80 7.70 13.60
CA GLU B 48 -5.35 7.56 13.54
C GLU B 48 -4.61 8.63 14.35
N LYS B 49 -4.81 9.90 14.01
CA LYS B 49 -4.06 11.01 14.60
C LYS B 49 -4.73 11.62 15.84
N GLY B 50 -5.86 11.04 16.25
CA GLY B 50 -6.57 11.45 17.46
C GLY B 50 -7.60 12.55 17.30
N ARG B 51 -8.19 12.65 16.10
CA ARG B 51 -9.24 13.64 15.82
C ARG B 51 -10.62 13.00 15.78
N LYS B 52 -11.59 13.72 16.34
CA LYS B 52 -12.95 13.25 16.46
C LYS B 52 -13.61 13.12 15.11
N ILE B 53 -13.71 11.90 14.61
CA ILE B 53 -14.53 11.60 13.45
C ILE B 53 -15.72 10.71 13.86
N PRO B 54 -16.77 10.67 13.03
CA PRO B 54 -17.87 9.74 13.28
C PRO B 54 -17.47 8.31 12.92
N GLU B 55 -17.81 7.36 13.77
CA GLU B 55 -17.59 5.95 13.46
C GLU B 55 -18.91 5.22 13.37
N TYR B 56 -19.03 4.32 12.39
CA TYR B 56 -20.28 3.65 12.07
C TYR B 56 -20.17 2.15 12.21
N LEU B 57 -21.14 1.57 12.93
CA LEU B 57 -21.24 0.12 13.03
C LEU B 57 -21.91 -0.43 11.77
N ILE B 58 -21.16 -1.24 11.02
CA ILE B 58 -21.58 -1.66 9.70
C ILE B 58 -22.07 -3.10 9.70
N HIS B 59 -23.24 -3.31 9.11
CA HIS B 59 -23.73 -4.66 8.87
C HIS B 59 -23.56 -4.96 7.39
N PHE B 60 -23.01 -6.12 7.08
CA PHE B 60 -22.76 -6.48 5.70
C PHE B 60 -23.87 -7.38 5.20
N ASN B 61 -24.50 -7.00 4.09
CA ASN B 61 -25.61 -7.76 3.52
C ASN B 61 -25.21 -9.18 3.13
N GLY B 62 -25.83 -10.17 3.77
CA GLY B 62 -25.53 -11.55 3.46
C GLY B 62 -24.67 -12.22 4.51
N TRP B 63 -24.12 -11.44 5.43
CA TRP B 63 -23.26 -11.97 6.45
C TRP B 63 -23.97 -12.03 7.79
N ASN B 64 -23.47 -12.87 8.70
CA ASN B 64 -23.98 -12.97 10.07
C ASN B 64 -23.75 -11.63 10.76
N ARG B 65 -24.54 -11.35 11.81
CA ARG B 65 -24.33 -10.18 12.65
C ARG B 65 -22.93 -10.20 13.29
N SER B 66 -22.34 -11.40 13.36
CA SER B 66 -21.00 -11.61 13.89
C SER B 66 -19.90 -10.93 13.09
N TRP B 67 -20.15 -10.63 11.81
CA TRP B 67 -19.16 -9.91 11.01
C TRP B 67 -19.34 -8.38 11.06
N ASP B 68 -20.35 -7.92 11.79
CA ASP B 68 -20.57 -6.48 12.00
C ASP B 68 -19.36 -5.83 12.61
N ARG B 69 -19.01 -4.64 12.12
CA ARG B 69 -17.83 -3.96 12.60
C ARG B 69 -17.86 -2.47 12.43
N TRP B 70 -17.09 -1.78 13.28
CA TRP B 70 -16.95 -0.33 13.21
C TRP B 70 -16.06 0.07 12.03
N ALA B 71 -16.45 1.13 11.35
CA ALA B 71 -15.67 1.66 10.25
C ALA B 71 -15.73 3.17 10.31
N ALA B 72 -14.62 3.80 9.93
CA ALA B 72 -14.54 5.25 9.82
C ALA B 72 -15.45 5.75 8.69
N GLU B 73 -15.89 7.01 8.81
CA GLU B 73 -16.76 7.62 7.80
C GLU B 73 -16.23 7.51 6.39
N ASP B 74 -14.96 7.81 6.21
CA ASP B 74 -14.36 7.81 4.88
C ASP B 74 -14.26 6.41 4.26
N HIS B 75 -14.54 5.36 5.05
CA HIS B 75 -14.43 3.99 4.56
C HIS B 75 -15.77 3.46 4.06
N VAL B 76 -16.75 4.34 4.07
CA VAL B 76 -18.11 4.01 3.74
C VAL B 76 -18.57 4.98 2.66
N LEU B 77 -19.19 4.44 1.62
CA LEU B 77 -19.70 5.28 0.56
C LEU B 77 -21.21 5.23 0.52
N ARG B 78 -21.77 6.38 0.15
CA ARG B 78 -23.19 6.49 -0.13
C ARG B 78 -23.54 5.66 -1.35
N ASP B 79 -24.69 5.02 -1.27
CA ASP B 79 -25.22 4.19 -2.34
C ASP B 79 -25.76 5.06 -3.47
N THR B 80 -24.93 5.28 -4.50
CA THR B 80 -25.31 6.12 -5.64
C THR B 80 -24.94 5.45 -6.98
N ASP B 81 -25.37 6.05 -8.09
CA ASP B 81 -24.99 5.56 -9.42
C ASP B 81 -23.47 5.48 -9.53
N GLU B 82 -22.80 6.60 -9.22
CA GLU B 82 -21.34 6.71 -9.27
C GLU B 82 -20.66 5.63 -8.41
N ASN B 83 -21.08 5.48 -7.15
CA ASN B 83 -20.44 4.49 -6.28
C ASN B 83 -20.75 3.03 -6.63
N ARG B 84 -21.93 2.76 -7.17
CA ARG B 84 -22.24 1.41 -7.67
C ARG B 84 -21.48 1.07 -8.96
N ARG B 85 -21.28 2.06 -9.82
CA ARG B 85 -20.34 1.94 -10.95
C ARG B 85 -18.96 1.50 -10.43
N LEU B 86 -18.49 2.11 -9.35
CA LEU B 86 -17.20 1.77 -8.74
C LEU B 86 -17.20 0.36 -8.13
N GLN B 87 -18.29 -0.02 -7.48
CA GLN B 87 -18.45 -1.37 -6.94
C GLN B 87 -18.21 -2.44 -8.01
N ARG B 88 -18.89 -2.33 -9.15
CA ARG B 88 -18.76 -3.28 -10.24
C ARG B 88 -17.33 -3.34 -10.77
N LYS B 89 -16.75 -2.17 -11.02
CA LYS B 89 -15.39 -2.10 -11.58
C LYS B 89 -14.41 -2.80 -10.64
N LEU B 90 -14.57 -2.57 -9.33
CA LEU B 90 -13.67 -3.17 -8.34
C LEU B 90 -13.86 -4.67 -8.27
N ALA B 91 -15.12 -5.10 -8.34
CA ALA B 91 -15.46 -6.52 -8.37
C ALA B 91 -14.85 -7.22 -9.58
N ARG B 92 -14.93 -6.61 -10.76
CA ARG B 92 -14.30 -7.16 -11.99
C ARG B 92 -12.79 -7.30 -11.88
N LYS B 93 -12.15 -6.27 -11.35
CA LYS B 93 -10.70 -6.29 -11.15
C LYS B 93 -10.32 -7.43 -10.23
N ALA B 94 -11.00 -7.53 -9.09
CA ALA B 94 -10.67 -8.50 -8.05
C ALA B 94 -10.77 -9.98 -8.48
N VAL B 95 -11.41 -10.26 -9.60
CA VAL B 95 -11.47 -11.64 -10.14
C VAL B 95 -10.66 -11.84 -11.43
N ALA B 96 -10.22 -10.75 -12.05
CA ALA B 96 -9.55 -10.82 -13.36
C ALA B 96 -8.23 -11.62 -13.34
N GLU C 9 2.49 -19.28 -17.57
CA GLU C 9 3.92 -19.01 -17.20
C GLU C 9 4.93 -19.94 -17.92
N GLY C 10 4.54 -20.43 -19.10
CA GLY C 10 5.38 -21.35 -19.90
C GLY C 10 5.95 -20.73 -21.17
N MET C 11 7.07 -20.00 -21.02
CA MET C 11 7.72 -19.29 -22.12
C MET C 11 9.19 -19.73 -22.29
N LYS C 12 10.08 -18.77 -22.54
CA LYS C 12 11.53 -19.00 -22.56
C LYS C 12 12.30 -17.79 -22.00
N PHE C 13 13.13 -18.03 -21.01
CA PHE C 13 13.96 -16.97 -20.43
C PHE C 13 15.34 -16.97 -21.07
N LYS C 14 15.86 -15.77 -21.34
CA LYS C 14 17.21 -15.63 -21.90
C LYS C 14 18.25 -15.58 -20.78
N PHE C 15 17.90 -14.88 -19.71
CA PHE C 15 18.79 -14.74 -18.58
C PHE C 15 18.20 -15.44 -17.36
N HIS C 16 19.07 -15.85 -16.44
CA HIS C 16 18.62 -16.55 -15.24
C HIS C 16 19.09 -15.78 -14.03
N SER C 17 18.47 -16.04 -12.87
CA SER C 17 18.85 -15.44 -11.59
C SER C 17 20.32 -15.70 -11.24
N GLY C 18 21.00 -14.65 -10.79
CA GLY C 18 22.39 -14.73 -10.34
C GLY C 18 23.38 -14.39 -11.43
N GLU C 19 22.88 -14.23 -12.66
CA GLU C 19 23.71 -13.96 -13.81
C GLU C 19 24.29 -12.55 -13.78
N LYS C 20 25.61 -12.48 -13.95
CA LYS C 20 26.34 -11.21 -14.10
C LYS C 20 26.03 -10.62 -15.47
N VAL C 21 25.67 -9.35 -15.49
CA VAL C 21 24.97 -8.79 -16.62
C VAL C 21 25.36 -7.33 -16.89
N LEU C 22 25.11 -6.86 -18.11
CA LEU C 22 25.22 -5.45 -18.46
C LEU C 22 23.84 -4.87 -18.74
N CYS C 23 23.47 -3.81 -18.01
CA CYS C 23 22.14 -3.27 -18.13
C CYS C 23 22.11 -1.81 -18.54
N PHE C 24 21.25 -1.50 -19.50
CA PHE C 24 21.10 -0.16 -20.03
C PHE C 24 20.52 0.86 -19.05
N GLU C 25 21.09 2.07 -19.07
CA GLU C 25 20.51 3.26 -18.43
C GLU C 25 18.98 3.36 -18.69
N PRO C 26 18.15 3.15 -17.66
CA PRO C 26 16.67 3.18 -17.80
C PRO C 26 16.03 4.55 -17.98
N ASP C 27 16.79 5.61 -17.68
CA ASP C 27 16.28 6.97 -17.81
C ASP C 27 16.50 7.46 -19.25
N PRO C 28 15.40 7.69 -20.00
CA PRO C 28 15.47 8.13 -21.40
C PRO C 28 16.08 9.53 -21.58
N THR C 29 16.02 10.35 -20.53
CA THR C 29 16.57 11.71 -20.52
C THR C 29 18.10 11.72 -20.39
N LYS C 30 18.67 10.61 -19.95
CA LYS C 30 20.12 10.50 -19.78
C LYS C 30 20.74 9.79 -20.99
N ALA C 31 22.05 9.92 -21.16
CA ALA C 31 22.77 9.30 -22.29
C ALA C 31 22.69 7.77 -22.25
N ARG C 32 22.77 7.14 -23.42
CA ARG C 32 22.70 5.69 -23.49
C ARG C 32 24.02 5.04 -23.07
N VAL C 33 24.01 4.43 -21.88
CA VAL C 33 25.17 3.72 -21.34
C VAL C 33 24.75 2.42 -20.65
N LEU C 34 25.70 1.50 -20.53
CA LEU C 34 25.48 0.20 -19.88
C LEU C 34 26.15 0.15 -18.53
N TYR C 35 25.42 -0.30 -17.50
CA TYR C 35 25.97 -0.49 -16.15
C TYR C 35 26.26 -1.96 -15.84
N ASP C 36 27.29 -2.20 -15.02
CA ASP C 36 27.55 -3.56 -14.50
C ASP C 36 26.45 -3.94 -13.55
N ALA C 37 25.76 -5.03 -13.85
CA ALA C 37 24.59 -5.38 -13.06
C ALA C 37 24.48 -6.88 -12.77
N LYS C 38 23.48 -7.20 -11.96
CA LYS C 38 23.23 -8.56 -11.51
C LYS C 38 21.72 -8.80 -11.50
N ILE C 39 21.28 -9.90 -12.09
CA ILE C 39 19.90 -10.38 -11.99
C ILE C 39 19.65 -11.05 -10.64
N VAL C 40 18.72 -10.46 -9.89
CA VAL C 40 18.39 -10.90 -8.55
C VAL C 40 17.24 -11.88 -8.67
N ASP C 41 16.26 -11.51 -9.47
CA ASP C 41 15.10 -12.31 -9.65
C ASP C 41 14.58 -12.21 -11.06
N VAL C 42 13.71 -13.16 -11.38
CA VAL C 42 13.04 -13.18 -12.66
C VAL C 42 11.55 -13.39 -12.38
N ILE C 43 10.69 -12.69 -13.14
CA ILE C 43 9.25 -12.82 -13.00
C ILE C 43 8.55 -12.86 -14.36
N VAL C 44 7.40 -13.54 -14.41
CA VAL C 44 6.51 -13.50 -15.57
C VAL C 44 5.60 -12.26 -15.46
N GLY C 45 5.93 -11.23 -16.23
CA GLY C 45 5.17 -9.97 -16.17
C GLY C 45 4.19 -9.81 -17.31
N LYS C 46 3.72 -8.57 -17.47
CA LYS C 46 2.81 -8.17 -18.55
C LYS C 46 3.21 -6.79 -19.05
N ASP C 47 3.21 -6.60 -20.36
CA ASP C 47 3.64 -5.34 -20.97
C ASP C 47 2.52 -4.30 -21.12
N GLU C 48 2.76 -3.30 -21.98
CA GLU C 48 1.79 -2.23 -22.27
C GLU C 48 0.45 -2.76 -22.76
N LYS C 49 0.48 -3.69 -23.71
CA LYS C 49 -0.76 -4.29 -24.24
C LYS C 49 -1.41 -5.22 -23.22
N GLY C 50 -0.64 -6.18 -22.72
CA GLY C 50 -1.13 -7.12 -21.72
C GLY C 50 -0.50 -8.49 -21.87
N ARG C 51 0.47 -8.60 -22.78
CA ARG C 51 1.09 -9.87 -23.13
C ARG C 51 2.05 -10.34 -22.04
N LYS C 52 2.18 -11.65 -21.88
CA LYS C 52 3.12 -12.21 -20.91
C LYS C 52 4.56 -11.98 -21.39
N ILE C 53 5.36 -11.28 -20.60
CA ILE C 53 6.79 -11.08 -20.91
C ILE C 53 7.67 -11.48 -19.73
N PRO C 54 8.94 -11.83 -19.98
CA PRO C 54 9.90 -11.97 -18.89
C PRO C 54 10.31 -10.62 -18.33
N GLU C 55 10.45 -10.54 -17.02
CA GLU C 55 10.96 -9.34 -16.37
C GLU C 55 12.04 -9.72 -15.37
N TYR C 56 13.08 -8.93 -15.31
CA TYR C 56 14.24 -9.27 -14.50
C TYR C 56 14.42 -8.21 -13.42
N LEU C 57 14.59 -8.65 -12.18
CA LEU C 57 14.92 -7.72 -11.11
C LEU C 57 16.42 -7.49 -11.16
N ILE C 58 16.79 -6.30 -11.63
CA ILE C 58 18.19 -5.91 -11.83
C ILE C 58 18.76 -5.15 -10.65
N HIS C 59 19.91 -5.60 -10.15
CA HIS C 59 20.72 -4.86 -9.19
C HIS C 59 21.91 -4.27 -9.94
N PHE C 60 22.07 -2.95 -9.83
CA PHE C 60 23.24 -2.25 -10.38
C PHE C 60 24.41 -2.29 -9.39
N ASN C 61 25.51 -2.93 -9.79
CA ASN C 61 26.67 -3.12 -8.90
C ASN C 61 27.23 -1.80 -8.40
N GLY C 62 27.40 -1.71 -7.08
CA GLY C 62 27.91 -0.50 -6.43
C GLY C 62 26.79 0.33 -5.81
N TRP C 63 25.73 0.54 -6.59
CA TRP C 63 24.56 1.32 -6.16
C TRP C 63 23.73 0.61 -5.10
N ASN C 64 23.16 1.40 -4.18
CA ASN C 64 22.27 0.93 -3.11
C ASN C 64 21.07 0.17 -3.68
N ARG C 65 20.60 -0.84 -2.94
CA ARG C 65 19.48 -1.69 -3.39
C ARG C 65 18.15 -0.93 -3.57
N SER C 66 18.12 0.35 -3.21
CA SER C 66 16.95 1.18 -3.42
C SER C 66 16.85 1.60 -4.89
N TRP C 67 17.85 1.20 -5.67
CA TRP C 67 17.93 1.51 -7.10
C TRP C 67 17.63 0.29 -7.97
N ASP C 68 17.54 -0.88 -7.33
CA ASP C 68 17.09 -2.11 -7.99
C ASP C 68 15.81 -1.83 -8.75
N ARG C 69 15.66 -2.43 -9.93
CA ARG C 69 14.43 -2.25 -10.69
C ARG C 69 14.19 -3.36 -11.69
N TRP C 70 12.93 -3.50 -12.08
CA TRP C 70 12.49 -4.50 -13.02
C TRP C 70 12.70 -4.01 -14.44
N ALA C 71 13.29 -4.86 -15.27
CA ALA C 71 13.62 -4.50 -16.64
C ALA C 71 13.12 -5.57 -17.61
N ALA C 72 12.85 -5.16 -18.84
CA ALA C 72 12.46 -6.09 -19.89
C ALA C 72 13.71 -6.74 -20.45
N GLU C 73 13.53 -7.88 -21.11
CA GLU C 73 14.64 -8.71 -21.54
C GLU C 73 15.70 -7.96 -22.33
N ASP C 74 15.28 -7.19 -23.33
CA ASP C 74 16.23 -6.48 -24.21
C ASP C 74 16.99 -5.31 -23.54
N HIS C 75 16.61 -4.96 -22.31
CA HIS C 75 17.32 -3.95 -21.52
C HIS C 75 18.59 -4.55 -20.93
N VAL C 76 18.70 -5.87 -21.01
CA VAL C 76 19.82 -6.58 -20.39
C VAL C 76 20.70 -7.25 -21.46
N LEU C 77 22.01 -7.19 -21.25
CA LEU C 77 22.96 -7.92 -22.07
C LEU C 77 23.86 -8.80 -21.20
N ARG C 78 24.55 -9.74 -21.85
CA ARG C 78 25.53 -10.61 -21.21
C ARG C 78 26.83 -9.86 -20.96
N ASP C 79 27.52 -10.24 -19.91
CA ASP C 79 28.76 -9.59 -19.58
C ASP C 79 29.85 -10.33 -20.36
N THR C 80 30.08 -9.88 -21.59
CA THR C 80 30.98 -10.55 -22.52
C THR C 80 32.02 -9.58 -23.05
N ASP C 81 33.02 -10.08 -23.79
CA ASP C 81 34.01 -9.21 -24.41
C ASP C 81 33.33 -8.21 -25.35
N GLU C 82 32.49 -8.72 -26.24
CA GLU C 82 31.77 -7.89 -27.21
C GLU C 82 30.92 -6.77 -26.57
N ASN C 83 30.11 -7.13 -25.57
CA ASN C 83 29.23 -6.14 -24.91
C ASN C 83 30.00 -5.17 -24.03
N ARG C 84 31.20 -5.58 -23.62
CA ARG C 84 32.09 -4.69 -22.88
C ARG C 84 32.75 -3.66 -23.80
N ARG C 85 32.93 -4.03 -25.07
CA ARG C 85 33.39 -3.07 -26.07
C ARG C 85 32.27 -2.05 -26.33
N LEU C 86 31.02 -2.53 -26.35
CA LEU C 86 29.87 -1.67 -26.50
C LEU C 86 29.78 -0.70 -25.33
N GLN C 87 29.93 -1.23 -24.10
CA GLN C 87 29.93 -0.41 -22.89
C GLN C 87 30.98 0.70 -22.92
N ARG C 88 32.18 0.37 -23.40
CA ARG C 88 33.23 1.38 -23.52
C ARG C 88 32.88 2.39 -24.61
N LYS C 89 32.36 1.90 -25.74
CA LYS C 89 32.02 2.76 -26.90
C LYS C 89 30.89 3.75 -26.62
N LEU C 90 29.99 3.37 -25.71
CA LEU C 90 28.89 4.22 -25.32
C LEU C 90 29.30 5.22 -24.25
N ALA C 91 30.15 4.78 -23.33
CA ALA C 91 30.68 5.67 -22.28
C ALA C 91 31.59 6.77 -22.83
N ARG C 92 32.45 6.44 -23.79
CA ARG C 92 33.30 7.43 -24.45
C ARG C 92 32.39 8.50 -25.04
N LYS C 93 31.48 8.05 -25.90
CA LYS C 93 30.59 8.91 -26.67
C LYS C 93 29.62 9.75 -25.82
N ALA C 94 29.42 9.36 -24.56
CA ALA C 94 28.52 10.09 -23.67
C ALA C 94 29.16 11.30 -22.99
N VAL C 95 30.49 11.29 -22.92
CA VAL C 95 31.23 12.30 -22.16
C VAL C 95 31.88 13.31 -23.10
N ALA C 96 32.12 12.89 -24.35
CA ALA C 96 32.61 13.78 -25.40
C ALA C 96 31.47 14.68 -25.91
N GLY D 4 -8.52 4.67 -10.90
CA GLY D 4 -8.81 6.00 -11.49
C GLY D 4 -8.41 7.11 -10.51
N SER D 5 -7.11 7.40 -10.45
CA SER D 5 -6.53 8.22 -9.36
C SER D 5 -6.68 9.73 -9.56
N SER D 6 -6.92 10.43 -8.45
CA SER D 6 -7.23 11.85 -8.48
C SER D 6 -6.08 12.70 -7.94
N ALA D 7 -6.12 14.00 -8.22
CA ALA D 7 -5.00 14.88 -7.91
C ALA D 7 -5.10 15.53 -6.52
N SER D 8 -3.97 15.55 -5.82
CA SER D 8 -3.83 16.32 -4.59
C SER D 8 -3.87 17.81 -4.94
N GLU D 9 -4.27 18.64 -3.97
CA GLU D 9 -4.39 20.08 -4.13
C GLU D 9 -3.19 20.74 -4.81
N GLY D 10 -1.99 20.30 -4.43
CA GLY D 10 -0.76 20.98 -4.75
C GLY D 10 -0.11 20.66 -6.08
N MET D 11 -0.56 19.60 -6.77
CA MET D 11 0.05 19.28 -8.07
C MET D 11 -0.39 20.16 -9.24
N LYS D 12 0.52 20.34 -10.19
CA LYS D 12 0.25 21.05 -11.44
C LYS D 12 0.70 20.14 -12.57
N PHE D 13 0.16 20.36 -13.77
CA PHE D 13 0.56 19.58 -14.94
C PHE D 13 1.25 20.50 -15.93
N LYS D 14 2.45 20.11 -16.33
CA LYS D 14 3.26 20.94 -17.20
C LYS D 14 2.66 21.05 -18.60
N PHE D 15 1.85 20.06 -18.98
CA PHE D 15 1.26 20.00 -20.31
C PHE D 15 -0.25 19.75 -20.27
N HIS D 16 -0.90 19.97 -21.41
CA HIS D 16 -2.33 19.75 -21.54
C HIS D 16 -2.61 18.90 -22.78
N SER D 17 -3.77 18.28 -22.84
CA SER D 17 -4.18 17.50 -24.02
C SER D 17 -4.13 18.38 -25.25
N GLY D 18 -3.55 17.86 -26.33
CA GLY D 18 -3.50 18.58 -27.58
C GLY D 18 -2.21 19.32 -27.84
N GLU D 19 -1.39 19.48 -26.82
CA GLU D 19 -0.20 20.29 -26.95
C GLU D 19 0.84 19.56 -27.78
N LYS D 20 1.36 20.25 -28.80
CA LYS D 20 2.54 19.76 -29.50
C LYS D 20 3.71 19.89 -28.53
N VAL D 21 4.49 18.82 -28.40
CA VAL D 21 5.55 18.72 -27.38
C VAL D 21 6.76 18.02 -28.00
N LEU D 22 7.87 17.94 -27.25
CA LEU D 22 9.03 17.13 -27.66
C LEU D 22 9.26 16.00 -26.65
N CYS D 23 9.27 14.76 -27.12
CA CYS D 23 9.36 13.61 -26.21
C CYS D 23 10.58 12.74 -26.44
N PHE D 24 11.32 12.47 -25.36
CA PHE D 24 12.51 11.62 -25.42
C PHE D 24 12.20 10.23 -25.96
N GLU D 25 13.10 9.69 -26.77
CA GLU D 25 13.01 8.29 -27.18
C GLU D 25 12.80 7.43 -25.95
N PRO D 26 11.73 6.61 -25.92
CA PRO D 26 11.40 5.85 -24.69
C PRO D 26 12.08 4.49 -24.58
N ASP D 27 12.77 4.07 -25.64
CA ASP D 27 13.46 2.78 -25.69
C ASP D 27 14.92 3.01 -25.27
N PRO D 28 15.35 2.36 -24.17
CA PRO D 28 16.67 2.70 -23.62
C PRO D 28 17.85 2.05 -24.33
N THR D 29 17.55 1.12 -25.24
CA THR D 29 18.58 0.47 -26.08
C THR D 29 18.86 1.31 -27.31
N LYS D 30 18.17 2.44 -27.42
CA LYS D 30 18.25 3.33 -28.56
C LYS D 30 18.89 4.65 -28.16
N ALA D 31 19.51 5.31 -29.14
CA ALA D 31 20.16 6.59 -28.92
C ALA D 31 19.14 7.62 -28.47
N ARG D 32 19.53 8.45 -27.51
CA ARG D 32 18.69 9.52 -26.99
C ARG D 32 18.45 10.62 -28.04
N VAL D 33 17.23 10.63 -28.58
CA VAL D 33 16.75 11.67 -29.47
C VAL D 33 15.43 12.23 -28.92
N LEU D 34 15.02 13.39 -29.43
CA LEU D 34 13.69 13.95 -29.15
C LEU D 34 12.80 13.89 -30.40
N TYR D 35 11.58 13.40 -30.20
CA TYR D 35 10.60 13.27 -31.26
C TYR D 35 9.52 14.33 -31.09
N ASP D 36 9.13 14.95 -32.20
CA ASP D 36 7.96 15.82 -32.19
C ASP D 36 6.81 14.92 -31.79
N ALA D 37 6.02 15.39 -30.84
CA ALA D 37 4.97 14.55 -30.28
C ALA D 37 3.75 15.37 -29.92
N LYS D 38 2.71 14.70 -29.42
CA LYS D 38 1.49 15.36 -28.99
C LYS D 38 0.98 14.65 -27.75
N ILE D 39 0.55 15.42 -26.74
CA ILE D 39 -0.12 14.84 -25.59
C ILE D 39 -1.53 14.45 -26.03
N VAL D 40 -1.88 13.19 -25.79
CA VAL D 40 -3.14 12.60 -26.24
C VAL D 40 -4.12 12.50 -25.07
N ASP D 41 -3.56 12.25 -23.89
CA ASP D 41 -4.30 12.17 -22.64
C ASP D 41 -3.38 12.58 -21.49
N VAL D 42 -3.96 12.96 -20.37
CA VAL D 42 -3.20 13.27 -19.17
C VAL D 42 -3.94 12.73 -17.94
N ILE D 43 -3.21 11.98 -17.12
CA ILE D 43 -3.79 11.41 -15.90
C ILE D 43 -2.89 11.65 -14.70
N VAL D 44 -3.34 11.20 -13.53
CA VAL D 44 -2.50 11.12 -12.35
C VAL D 44 -2.02 9.69 -12.22
N GLY D 45 -0.71 9.49 -12.29
CA GLY D 45 -0.12 8.19 -12.07
C GLY D 45 0.64 8.09 -10.75
N LYS D 46 1.36 6.97 -10.58
CA LYS D 46 2.10 6.70 -9.36
C LYS D 46 3.58 6.48 -9.64
N ASP D 47 4.45 7.04 -8.80
CA ASP D 47 5.88 6.75 -8.93
C ASP D 47 6.22 5.41 -8.30
N GLU D 48 7.51 5.11 -8.21
CA GLU D 48 7.99 3.85 -7.63
C GLU D 48 7.61 3.69 -6.15
N LYS D 49 7.31 4.80 -5.47
CA LYS D 49 6.97 4.77 -4.06
C LYS D 49 5.45 4.88 -3.83
N GLY D 50 4.70 4.91 -4.92
CA GLY D 50 3.24 5.00 -4.91
C GLY D 50 2.77 6.42 -4.76
N ARG D 51 3.64 7.36 -5.10
CA ARG D 51 3.31 8.77 -4.96
C ARG D 51 2.74 9.28 -6.27
N LYS D 52 1.67 10.07 -6.16
CA LYS D 52 0.99 10.66 -7.31
C LYS D 52 1.92 11.52 -8.18
N ILE D 53 1.83 11.33 -9.50
CA ILE D 53 2.60 12.13 -10.45
C ILE D 53 1.80 12.38 -11.73
N PRO D 54 2.05 13.52 -12.41
CA PRO D 54 1.46 13.70 -13.75
C PRO D 54 2.04 12.65 -14.67
N GLU D 55 1.18 11.91 -15.37
CA GLU D 55 1.61 11.05 -16.47
C GLU D 55 0.89 11.44 -17.77
N TYR D 56 1.53 11.14 -18.90
CA TYR D 56 1.04 11.62 -20.18
C TYR D 56 1.04 10.54 -21.27
N LEU D 57 -0.07 10.43 -21.99
CA LEU D 57 -0.13 9.53 -23.14
C LEU D 57 0.39 10.28 -24.36
N ILE D 58 1.51 9.80 -24.89
CA ILE D 58 2.24 10.48 -25.95
C ILE D 58 2.01 9.83 -27.32
N HIS D 59 1.69 10.65 -28.33
CA HIS D 59 1.67 10.22 -29.73
C HIS D 59 2.85 10.81 -30.47
N PHE D 60 3.61 9.96 -31.14
CA PHE D 60 4.79 10.42 -31.86
C PHE D 60 4.43 10.73 -33.30
N ASN D 61 4.60 12.00 -33.71
CA ASN D 61 4.30 12.45 -35.08
C ASN D 61 4.99 11.56 -36.12
N GLY D 62 4.20 11.13 -37.11
CA GLY D 62 4.71 10.35 -38.25
C GLY D 62 4.80 8.86 -37.97
N TRP D 63 4.48 8.48 -36.73
CA TRP D 63 4.54 7.09 -36.25
C TRP D 63 3.13 6.59 -35.95
N ASN D 64 2.89 5.30 -36.16
CA ASN D 64 1.56 4.73 -35.96
C ASN D 64 1.06 4.91 -34.53
N ARG D 65 -0.26 5.06 -34.37
CA ARG D 65 -0.87 5.17 -33.02
C ARG D 65 -0.46 4.04 -32.07
N SER D 66 -0.09 2.89 -32.63
CA SER D 66 0.31 1.72 -31.83
C SER D 66 1.65 1.87 -31.12
N TRP D 67 2.39 2.95 -31.43
CA TRP D 67 3.63 3.28 -30.73
C TRP D 67 3.37 4.28 -29.61
N ASP D 68 2.12 4.70 -29.44
CA ASP D 68 1.78 5.61 -28.35
C ASP D 68 2.16 4.94 -27.03
N ARG D 69 2.71 5.70 -26.11
CA ARG D 69 2.95 5.18 -24.75
C ARG D 69 2.85 6.22 -23.65
N TRP D 70 2.76 5.74 -22.42
CA TRP D 70 2.67 6.61 -21.28
C TRP D 70 4.07 7.05 -20.90
N ALA D 71 4.23 8.35 -20.65
CA ALA D 71 5.51 8.89 -20.16
C ALA D 71 5.30 9.75 -18.92
N ALA D 72 6.34 9.83 -18.09
CA ALA D 72 6.37 10.75 -16.95
C ALA D 72 6.70 12.15 -17.43
N GLU D 73 6.43 13.15 -16.59
CA GLU D 73 6.63 14.54 -16.97
C GLU D 73 8.05 14.89 -17.43
N ASP D 74 9.05 14.39 -16.71
CA ASP D 74 10.46 14.69 -17.01
C ASP D 74 10.86 14.15 -18.38
N HIS D 75 10.10 13.17 -18.88
CA HIS D 75 10.39 12.57 -20.17
C HIS D 75 9.84 13.38 -21.33
N VAL D 76 9.04 14.39 -21.01
CA VAL D 76 8.44 15.23 -22.03
C VAL D 76 8.99 16.64 -21.86
N LEU D 77 9.26 17.30 -22.99
CA LEU D 77 9.81 18.66 -23.01
C LEU D 77 8.93 19.60 -23.80
N ARG D 78 8.82 20.84 -23.33
CA ARG D 78 8.19 21.92 -24.10
C ARG D 78 8.83 22.09 -25.48
N ASP D 79 8.00 22.39 -26.48
CA ASP D 79 8.45 22.59 -27.85
C ASP D 79 9.01 24.00 -28.08
N THR D 80 9.91 24.42 -27.20
CA THR D 80 10.54 25.75 -27.27
C THR D 80 11.65 25.76 -28.29
N ASP D 81 12.13 26.95 -28.66
CA ASP D 81 13.26 27.09 -29.58
C ASP D 81 14.55 26.47 -29.01
N GLU D 82 14.82 26.72 -27.72
CA GLU D 82 15.96 26.12 -27.04
C GLU D 82 15.95 24.59 -27.16
N ASN D 83 14.80 23.99 -26.89
CA ASN D 83 14.63 22.54 -26.95
C ASN D 83 14.61 21.99 -28.37
N ARG D 84 14.14 22.80 -29.31
CA ARG D 84 14.23 22.46 -30.72
C ARG D 84 15.69 22.42 -31.14
N ARG D 85 16.50 23.30 -30.56
CA ARG D 85 17.95 23.28 -30.74
C ARG D 85 18.51 21.96 -30.22
N LEU D 86 18.18 21.66 -28.96
CA LEU D 86 18.58 20.40 -28.31
C LEU D 86 18.22 19.20 -29.16
N GLN D 87 17.02 19.21 -29.75
CA GLN D 87 16.57 18.15 -30.65
C GLN D 87 17.51 17.98 -31.84
N ARG D 88 17.90 19.09 -32.46
CA ARG D 88 18.76 19.05 -33.63
C ARG D 88 20.11 18.43 -33.29
N LYS D 89 20.67 18.85 -32.15
CA LYS D 89 21.94 18.35 -31.66
C LYS D 89 21.98 16.84 -31.36
N LEU D 90 20.89 16.33 -30.79
CA LEU D 90 20.75 14.90 -30.51
C LEU D 90 20.54 14.10 -31.79
N ALA D 91 19.78 14.64 -32.73
CA ALA D 91 19.55 13.99 -34.01
C ALA D 91 20.85 13.88 -34.83
N ARG D 92 21.76 14.83 -34.62
CA ARG D 92 23.09 14.80 -35.29
C ARG D 92 24.07 13.89 -34.53
N LYS D 93 23.92 13.82 -33.22
CA LYS D 93 24.78 12.95 -32.42
C LYS D 93 24.43 11.48 -32.59
N ALA D 94 23.15 11.18 -32.81
CA ALA D 94 22.71 9.79 -32.97
C ALA D 94 23.01 9.20 -34.37
N VAL D 95 22.81 10.01 -35.42
CA VAL D 95 23.01 9.55 -36.80
C VAL D 95 24.49 9.31 -37.13
N ALA D 96 25.29 10.38 -37.08
CA ALA D 96 26.73 10.25 -37.29
C ALA D 96 27.43 9.98 -35.96
N LYS E 12 5.71 -8.57 39.08
CA LYS E 12 5.35 -7.18 39.48
C LYS E 12 3.92 -7.11 40.02
N PHE E 13 3.00 -7.81 39.35
CA PHE E 13 1.55 -7.75 39.60
C PHE E 13 0.88 -6.52 38.96
N LYS E 14 0.45 -6.69 37.71
CA LYS E 14 -0.14 -5.60 36.93
C LYS E 14 -1.26 -4.87 37.66
N PHE E 15 -2.12 -5.63 38.35
CA PHE E 15 -3.25 -5.07 39.11
C PHE E 15 -3.16 -5.42 40.59
N HIS E 16 -3.74 -4.57 41.43
CA HIS E 16 -3.70 -4.77 42.88
C HIS E 16 -5.08 -4.73 43.53
N SER E 17 -5.17 -5.13 44.80
CA SER E 17 -6.40 -5.05 45.59
C SER E 17 -7.11 -3.69 45.43
N GLY E 18 -8.44 -3.73 45.34
CA GLY E 18 -9.24 -2.50 45.31
C GLY E 18 -9.43 -1.82 43.96
N GLU E 19 -8.61 -2.20 42.97
CA GLU E 19 -8.52 -1.43 41.72
C GLU E 19 -9.77 -1.49 40.83
N LYS E 20 -10.22 -0.32 40.36
CA LYS E 20 -11.28 -0.20 39.37
C LYS E 20 -10.76 -0.76 38.04
N VAL E 21 -11.57 -1.57 37.36
CA VAL E 21 -11.03 -2.35 36.26
C VAL E 21 -12.11 -2.71 35.21
N LEU E 22 -11.68 -3.21 34.05
CA LEU E 22 -12.60 -3.67 33.00
C LEU E 22 -12.32 -5.14 32.70
N CYS E 23 -13.38 -5.95 32.72
CA CYS E 23 -13.24 -7.40 32.59
C CYS E 23 -14.20 -7.95 31.54
N PHE E 24 -13.72 -8.88 30.70
CA PHE E 24 -14.57 -9.48 29.67
C PHE E 24 -15.60 -10.47 30.22
N GLU E 25 -16.67 -10.66 29.46
CA GLU E 25 -17.62 -11.75 29.65
C GLU E 25 -16.90 -13.10 29.74
N PRO E 26 -17.02 -13.79 30.91
CA PRO E 26 -16.44 -15.13 31.12
C PRO E 26 -16.96 -16.22 30.16
N ASP E 27 -18.28 -16.29 29.99
CA ASP E 27 -18.93 -17.32 29.16
C ASP E 27 -18.71 -17.11 27.65
N PRO E 28 -17.89 -17.99 27.00
CA PRO E 28 -17.47 -17.82 25.61
C PRO E 28 -18.61 -17.90 24.60
N THR E 29 -19.74 -18.48 25.00
CA THR E 29 -20.90 -18.57 24.12
C THR E 29 -21.77 -17.32 24.19
N LYS E 30 -21.46 -16.41 25.11
CA LYS E 30 -22.21 -15.16 25.27
C LYS E 30 -21.51 -13.98 24.59
N ALA E 31 -22.24 -12.87 24.49
CA ALA E 31 -21.76 -11.69 23.76
C ALA E 31 -20.46 -11.12 24.35
N ARG E 32 -19.50 -10.83 23.46
CA ARG E 32 -18.22 -10.23 23.81
C ARG E 32 -18.38 -8.79 24.32
N VAL E 33 -18.38 -8.62 25.64
CA VAL E 33 -18.52 -7.29 26.21
C VAL E 33 -17.60 -7.05 27.41
N LEU E 34 -17.15 -5.81 27.57
CA LEU E 34 -16.34 -5.41 28.71
C LEU E 34 -17.21 -4.88 29.83
N TYR E 35 -17.09 -5.49 31.02
CA TYR E 35 -17.85 -5.07 32.19
C TYR E 35 -17.04 -4.19 33.11
N ASP E 36 -17.67 -3.19 33.71
CA ASP E 36 -17.08 -2.46 34.81
C ASP E 36 -16.89 -3.47 35.95
N ALA E 37 -15.73 -3.42 36.59
CA ALA E 37 -15.38 -4.39 37.63
C ALA E 37 -14.33 -3.87 38.62
N LYS E 38 -14.07 -4.69 39.65
CA LYS E 38 -13.04 -4.40 40.64
C LYS E 38 -12.23 -5.64 41.04
N ILE E 39 -10.97 -5.43 41.45
CA ILE E 39 -10.11 -6.51 41.93
C ILE E 39 -10.39 -6.70 43.43
N VAL E 40 -11.04 -7.80 43.74
CA VAL E 40 -11.35 -8.12 45.12
C VAL E 40 -10.10 -8.66 45.80
N ASP E 41 -9.38 -9.55 45.10
CA ASP E 41 -8.16 -10.14 45.64
C ASP E 41 -7.19 -10.66 44.55
N VAL E 42 -5.96 -10.95 44.98
CA VAL E 42 -4.90 -11.49 44.13
C VAL E 42 -4.23 -12.66 44.85
N ILE E 43 -4.09 -13.80 44.17
CA ILE E 43 -3.28 -14.91 44.66
C ILE E 43 -2.20 -15.29 43.64
N VAL E 44 -1.16 -15.97 44.11
CA VAL E 44 -0.18 -16.55 43.21
C VAL E 44 -0.68 -17.92 42.76
N GLY E 45 -1.05 -18.02 41.49
CA GLY E 45 -1.62 -19.25 40.92
C GLY E 45 -0.80 -19.88 39.81
N LYS E 52 4.75 -18.75 39.10
CA LYS E 52 5.02 -17.32 39.16
C LYS E 52 3.89 -16.45 38.57
N ILE E 53 2.71 -17.03 38.36
CA ILE E 53 1.60 -16.32 37.71
C ILE E 53 0.52 -15.80 38.69
N PRO E 54 -0.08 -14.63 38.36
CA PRO E 54 -1.12 -14.07 39.22
C PRO E 54 -2.54 -14.49 38.85
N GLU E 55 -3.43 -14.50 39.84
CA GLU E 55 -4.85 -14.78 39.63
C GLU E 55 -5.69 -13.76 40.39
N TYR E 56 -6.57 -13.08 39.67
CA TYR E 56 -7.37 -12.02 40.26
C TYR E 56 -8.80 -12.47 40.50
N LEU E 57 -9.31 -12.11 41.67
CA LEU E 57 -10.70 -12.31 41.98
C LEU E 57 -11.44 -11.05 41.59
N ILE E 58 -12.34 -11.18 40.62
CA ILE E 58 -13.00 -10.05 40.00
C ILE E 58 -14.41 -9.92 40.52
N HIS E 59 -14.88 -8.69 40.67
CA HIS E 59 -16.29 -8.43 40.96
C HIS E 59 -16.87 -7.45 39.94
N PHE E 60 -17.95 -7.84 39.29
CA PHE E 60 -18.59 -7.05 38.24
C PHE E 60 -19.63 -6.13 38.82
N ASN E 61 -19.39 -4.82 38.72
CA ASN E 61 -20.27 -3.81 39.30
C ASN E 61 -21.72 -3.99 38.86
N GLY E 62 -22.65 -3.82 39.79
CA GLY E 62 -24.08 -3.96 39.48
C GLY E 62 -24.59 -5.38 39.46
N TRP E 63 -23.69 -6.36 39.60
CA TRP E 63 -24.07 -7.77 39.73
C TRP E 63 -23.72 -8.25 41.14
N ASN E 64 -24.52 -9.15 41.71
CA ASN E 64 -24.21 -9.67 43.04
C ASN E 64 -22.97 -10.57 43.06
N ARG E 65 -22.45 -10.81 44.28
CA ARG E 65 -21.21 -11.55 44.49
C ARG E 65 -21.22 -13.01 43.98
N SER E 66 -22.40 -13.56 43.74
CA SER E 66 -22.48 -14.88 43.13
C SER E 66 -21.98 -14.89 41.68
N TRP E 67 -21.71 -13.71 41.12
CA TRP E 67 -21.16 -13.59 39.77
C TRP E 67 -19.65 -13.31 39.72
N ASP E 68 -19.04 -13.13 40.88
CA ASP E 68 -17.58 -12.97 40.98
C ASP E 68 -16.87 -14.20 40.47
N ARG E 69 -15.64 -14.03 40.02
CA ARG E 69 -14.82 -15.16 39.58
C ARG E 69 -13.35 -14.84 39.41
N TRP E 70 -12.58 -15.91 39.34
CA TRP E 70 -11.15 -15.86 39.14
C TRP E 70 -10.82 -15.78 37.66
N ALA E 71 -10.27 -14.64 37.27
CA ALA E 71 -9.86 -14.35 35.91
C ALA E 71 -8.33 -14.27 35.83
N ALA E 72 -7.78 -14.69 34.69
CA ALA E 72 -6.32 -14.60 34.49
C ALA E 72 -5.94 -13.15 34.16
N GLU E 73 -4.68 -12.80 34.34
CA GLU E 73 -4.23 -11.42 34.09
C GLU E 73 -4.66 -10.85 32.74
N ASP E 74 -4.38 -11.59 31.66
CA ASP E 74 -4.67 -11.12 30.30
C ASP E 74 -6.17 -11.03 29.99
N HIS E 75 -7.00 -11.41 30.97
CA HIS E 75 -8.44 -11.23 30.86
C HIS E 75 -8.88 -9.94 31.56
N VAL E 76 -7.97 -9.33 32.33
CA VAL E 76 -8.26 -8.08 33.04
C VAL E 76 -7.68 -6.87 32.31
N LEU E 77 -8.49 -5.85 32.12
CA LEU E 77 -8.06 -4.65 31.42
C LEU E 77 -7.96 -3.43 32.34
N ARG E 78 -6.93 -2.61 32.10
CA ARG E 78 -6.74 -1.39 32.85
C ARG E 78 -7.78 -0.36 32.39
N ASP E 79 -8.35 0.37 33.35
CA ASP E 79 -9.37 1.36 33.04
C ASP E 79 -8.76 2.60 32.39
N THR E 80 -8.48 2.51 31.09
CA THR E 80 -7.89 3.62 30.36
C THR E 80 -8.95 4.16 29.42
N ASP E 81 -8.70 5.35 28.85
CA ASP E 81 -9.58 5.95 27.84
C ASP E 81 -9.81 5.02 26.66
N GLU E 82 -8.72 4.64 26.01
CA GLU E 82 -8.68 3.59 24.99
C GLU E 82 -9.62 2.40 25.29
N ASN E 83 -9.47 1.77 26.45
CA ASN E 83 -10.26 0.58 26.77
C ASN E 83 -11.71 0.91 27.07
N ARG E 84 -11.97 2.15 27.47
CA ARG E 84 -13.35 2.59 27.65
C ARG E 84 -13.97 2.78 26.27
N ARG E 85 -13.14 3.19 25.31
CA ARG E 85 -13.52 3.38 23.93
C ARG E 85 -13.88 2.04 23.30
N LEU E 86 -13.12 0.99 23.64
CA LEU E 86 -13.39 -0.35 23.13
C LEU E 86 -14.62 -0.98 23.78
N GLN E 87 -14.83 -0.68 25.07
CA GLN E 87 -16.02 -1.14 25.78
C GLN E 87 -17.29 -0.59 25.13
N ARG E 88 -17.32 0.73 24.95
CA ARG E 88 -18.40 1.42 24.26
C ARG E 88 -18.72 0.74 22.91
N LYS E 89 -17.69 0.50 22.10
CA LYS E 89 -17.87 -0.22 20.83
C LYS E 89 -18.44 -1.62 21.02
N LEU E 90 -17.92 -2.38 21.97
CA LEU E 90 -18.41 -3.73 22.20
C LEU E 90 -19.87 -3.75 22.72
N ALA E 91 -20.23 -2.79 23.57
CA ALA E 91 -21.59 -2.74 24.12
C ALA E 91 -22.66 -2.41 23.08
N ARG E 92 -22.36 -1.48 22.15
CA ARG E 92 -23.33 -1.08 21.12
C ARG E 92 -23.55 -2.24 20.18
N LYS E 93 -22.43 -2.82 19.73
CA LYS E 93 -22.40 -3.98 18.85
C LYS E 93 -23.23 -5.17 19.39
N ALA E 94 -23.16 -5.39 20.69
CA ALA E 94 -23.91 -6.47 21.34
C ALA E 94 -25.40 -6.12 21.50
N VAL E 95 -25.69 -4.87 21.83
CA VAL E 95 -27.06 -4.37 21.94
C VAL E 95 -27.79 -4.54 20.60
N ALA E 96 -27.15 -4.07 19.54
CA ALA E 96 -27.70 -4.11 18.18
C ALA E 96 -28.05 -5.52 17.66
#